data_4IKH
#
_entry.id   4IKH
#
_cell.length_a   88.189
_cell.length_b   88.189
_cell.length_c   159.834
_cell.angle_alpha   90.000
_cell.angle_beta   90.000
_cell.angle_gamma   120.000
#
_symmetry.space_group_name_H-M   'P 61 2 2'
#
loop_
_entity.id
_entity.type
_entity.pdbx_description
1 polymer 'Glutathione S-transferase'
2 non-polymer GLUTATHIONE
3 non-polymer 'CHLORIDE ION'
4 water water
#
_entity_poly.entity_id   1
_entity_poly.type   'polypeptide(L)'
_entity_poly.pdbx_seq_one_letter_code
;(MSE)SLSDLSAFAVTQKWPAQFPEWIQLYSLPTPNGVKVSI(MSE)LEEIGLPYEAHRVSFETQDQ(MSE)TPEFLSVS
PNNKIPAILDPHGPGDQPLALFESGAILIYLADKSGQLLAQESAARYETIQWL(MSE)FQ(MSE)GGIGP(MSE)FGQVG
FFNKFAGREYEDKRPLERYVNEAKRLLGVLDKHLGGREWI(MSE)GERYTIADIATFPWIRNLIGFYEAGELVGIDNFPE
VKRVLAKFVARPAVIRGLEIPKVSEGHHHHHH
;
_entity_poly.pdbx_strand_id   A
#
loop_
_chem_comp.id
_chem_comp.type
_chem_comp.name
_chem_comp.formula
CL non-polymer 'CHLORIDE ION' 'Cl -1'
GSH non-polymer GLUTATHIONE 'C10 H17 N3 O6 S'
#
# COMPACT_ATOMS: atom_id res chain seq x y z
N SER A 7 -24.55 -6.90 -12.08
CA SER A 7 -23.22 -7.37 -12.48
C SER A 7 -23.18 -8.12 -13.80
N ALA A 8 -23.16 -7.37 -14.89
CA ALA A 8 -22.83 -7.91 -16.19
C ALA A 8 -21.35 -7.63 -16.45
N PHE A 9 -20.57 -7.46 -15.39
CA PHE A 9 -19.18 -7.05 -15.51
C PHE A 9 -18.22 -8.21 -15.74
N ALA A 10 -17.17 -7.94 -16.51
CA ALA A 10 -16.18 -8.96 -16.87
C ALA A 10 -15.40 -9.49 -15.66
N VAL A 11 -15.05 -8.60 -14.74
CA VAL A 11 -14.21 -8.98 -13.60
C VAL A 11 -14.86 -10.07 -12.74
N THR A 12 -16.18 -10.02 -12.61
CA THR A 12 -16.93 -10.97 -11.78
C THR A 12 -17.11 -12.33 -12.46
N GLN A 13 -16.63 -12.44 -13.70
CA GLN A 13 -16.66 -13.73 -14.38
C GLN A 13 -15.55 -14.62 -13.85
N LYS A 14 -14.50 -14.01 -13.31
CA LYS A 14 -13.40 -14.75 -12.71
C LYS A 14 -13.49 -14.69 -11.18
N TRP A 15 -13.99 -13.57 -10.65
CA TRP A 15 -14.15 -13.41 -9.21
C TRP A 15 -15.58 -13.03 -8.85
N PRO A 16 -16.48 -14.03 -8.83
CA PRO A 16 -17.90 -13.81 -8.54
C PRO A 16 -18.10 -13.43 -7.07
N ALA A 17 -18.99 -12.48 -6.82
CA ALA A 17 -19.19 -11.98 -5.46
C ALA A 17 -20.13 -12.83 -4.62
N GLN A 18 -19.59 -13.48 -3.59
CA GLN A 18 -20.40 -14.18 -2.60
C GLN A 18 -21.20 -13.13 -1.86
N PHE A 19 -20.59 -11.96 -1.69
CA PHE A 19 -21.25 -10.81 -1.05
C PHE A 19 -21.32 -9.65 -2.04
N PRO A 20 -22.34 -9.69 -2.92
CA PRO A 20 -22.49 -8.76 -4.05
C PRO A 20 -22.99 -7.36 -3.64
N GLU A 21 -22.92 -7.07 -2.34
CA GLU A 21 -23.35 -5.77 -1.84
C GLU A 21 -22.18 -5.07 -1.18
N TRP A 22 -21.12 -5.84 -0.91
CA TRP A 22 -19.92 -5.31 -0.28
C TRP A 22 -18.85 -4.96 -1.32
N ILE A 23 -17.94 -4.10 -0.92
CA ILE A 23 -16.76 -3.74 -1.70
C ILE A 23 -15.97 -4.98 -2.08
N GLN A 24 -15.70 -5.14 -3.38
CA GLN A 24 -14.88 -6.25 -3.87
C GLN A 24 -13.41 -5.85 -3.92
N LEU A 25 -12.55 -6.71 -3.37
CA LEU A 25 -11.13 -6.43 -3.33
C LEU A 25 -10.34 -7.44 -4.15
N TYR A 26 -9.68 -6.95 -5.19
CA TYR A 26 -8.81 -7.79 -6.01
C TYR A 26 -7.37 -7.44 -5.65
N SER A 27 -6.72 -8.34 -4.94
CA SER A 27 -5.43 -8.01 -4.35
C SER A 27 -4.60 -9.24 -4.01
N LEU A 28 -3.56 -9.02 -3.23
CA LEU A 28 -2.56 -10.03 -2.92
C LEU A 28 -1.69 -9.44 -1.81
N PRO A 29 -1.28 -10.26 -0.84
CA PRO A 29 -0.54 -9.72 0.32
C PRO A 29 0.81 -9.09 -0.04
N THR A 30 0.78 -8.06 -0.89
CA THR A 30 1.98 -7.31 -1.24
C THR A 30 1.94 -5.98 -0.50
N PRO A 31 3.06 -5.22 -0.50
CA PRO A 31 3.01 -3.92 0.20
C PRO A 31 1.89 -3.01 -0.32
N ASN A 32 1.70 -2.95 -1.63
CA ASN A 32 0.62 -2.12 -2.18
C ASN A 32 -0.76 -2.68 -1.91
N GLY A 33 -0.88 -4.00 -1.90
CA GLY A 33 -2.16 -4.64 -1.61
C GLY A 33 -2.61 -4.49 -0.17
N VAL A 34 -1.69 -4.77 0.76
CA VAL A 34 -2.05 -4.67 2.17
C VAL A 34 -2.42 -3.24 2.59
N LYS A 35 -2.02 -2.25 1.78
CA LYS A 35 -2.43 -0.87 2.07
C LYS A 35 -3.95 -0.79 2.16
N VAL A 36 -4.61 -1.43 1.20
CA VAL A 36 -6.06 -1.34 1.05
C VAL A 36 -6.82 -2.29 2.01
N SER A 37 -6.30 -3.50 2.21
CA SER A 37 -6.93 -4.42 3.15
C SER A 37 -6.80 -3.92 4.57
N ILE A 38 -5.64 -3.34 4.88
CA ILE A 38 -5.46 -2.69 6.18
C ILE A 38 -6.44 -1.53 6.33
N MSE A 39 -6.56 -0.72 5.28
CA MSE A 39 -7.49 0.41 5.29
C MSE A 39 -8.92 -0.03 5.61
O MSE A 39 -9.58 0.55 6.48
CB MSE A 39 -7.48 1.11 3.93
CG MSE A 39 -8.40 2.31 3.86
SE MSE A 39 -7.96 3.61 5.24
CE MSE A 39 -9.25 5.00 4.80
N LEU A 40 -9.37 -1.08 4.92
CA LEU A 40 -10.74 -1.56 5.07
C LEU A 40 -10.96 -2.11 6.49
N GLU A 41 -9.95 -2.80 7.02
CA GLU A 41 -10.01 -3.32 8.39
C GLU A 41 -10.05 -2.18 9.41
N GLU A 42 -9.31 -1.11 9.14
CA GLU A 42 -9.23 0.02 10.06
C GLU A 42 -10.53 0.82 10.14
N ILE A 43 -11.26 0.90 9.04
CA ILE A 43 -12.45 1.75 8.99
C ILE A 43 -13.75 0.97 9.16
N GLY A 44 -13.61 -0.36 9.24
CA GLY A 44 -14.73 -1.23 9.53
C GLY A 44 -15.77 -1.31 8.44
N LEU A 45 -15.36 -1.05 7.20
CA LEU A 45 -16.25 -1.22 6.05
C LEU A 45 -16.28 -2.67 5.63
N PRO A 46 -17.48 -3.21 5.39
CA PRO A 46 -17.59 -4.61 4.95
C PRO A 46 -17.05 -4.76 3.53
N TYR A 47 -16.30 -5.83 3.30
CA TYR A 47 -15.73 -6.07 1.98
C TYR A 47 -15.48 -7.55 1.75
N GLU A 48 -15.28 -7.92 0.48
CA GLU A 48 -14.96 -9.29 0.10
C GLU A 48 -13.62 -9.32 -0.64
N ALA A 49 -12.75 -10.25 -0.27
CA ALA A 49 -11.41 -10.28 -0.84
C ALA A 49 -11.20 -11.43 -1.81
N HIS A 50 -10.58 -11.11 -2.94
CA HIS A 50 -10.25 -12.11 -3.94
C HIS A 50 -8.76 -12.09 -4.22
N ARG A 51 -8.12 -13.25 -4.09
CA ARG A 51 -6.70 -13.38 -4.35
C ARG A 51 -6.42 -13.42 -5.86
N VAL A 52 -5.66 -12.44 -6.33
CA VAL A 52 -5.19 -12.41 -7.72
C VAL A 52 -3.80 -13.05 -7.77
N SER A 53 -3.72 -14.28 -8.27
CA SER A 53 -2.44 -15.00 -8.25
C SER A 53 -1.55 -14.64 -9.43
N PHE A 54 -0.32 -14.23 -9.13
CA PHE A 54 0.64 -13.87 -10.15
C PHE A 54 1.22 -15.10 -10.82
N GLU A 55 1.20 -16.21 -10.08
CA GLU A 55 1.74 -17.48 -10.56
C GLU A 55 0.98 -17.98 -11.77
N THR A 56 -0.32 -17.71 -11.78
CA THR A 56 -1.19 -18.10 -12.90
C THR A 56 -1.43 -16.91 -13.81
N GLN A 57 -0.72 -15.81 -13.55
CA GLN A 57 -0.83 -14.57 -14.33
C GLN A 57 -2.25 -14.01 -14.37
N ASP A 58 -2.94 -14.05 -13.23
CA ASP A 58 -4.33 -13.57 -13.14
C ASP A 58 -4.46 -12.07 -13.39
N GLN A 59 -3.35 -11.34 -13.26
CA GLN A 59 -3.38 -9.89 -13.43
C GLN A 59 -3.28 -9.48 -14.89
N MSE A 60 -3.15 -10.47 -15.78
CA MSE A 60 -3.01 -10.22 -17.21
C MSE A 60 -4.29 -10.58 -17.97
O MSE A 60 -4.44 -10.25 -19.14
CB MSE A 60 -1.82 -11.00 -17.78
CG MSE A 60 -0.50 -10.65 -17.13
SE MSE A 60 0.04 -8.81 -17.49
CE MSE A 60 1.52 -8.67 -16.22
N THR A 61 -5.21 -11.26 -17.29
CA THR A 61 -6.48 -11.66 -17.88
C THR A 61 -7.32 -10.43 -18.23
N PRO A 62 -8.10 -10.51 -19.33
CA PRO A 62 -9.00 -9.42 -19.73
C PRO A 62 -9.96 -9.05 -18.60
N GLU A 63 -10.35 -10.03 -17.80
CA GLU A 63 -11.25 -9.80 -16.66
C GLU A 63 -10.66 -8.84 -15.63
N PHE A 64 -9.38 -9.02 -15.31
CA PHE A 64 -8.73 -8.13 -14.36
C PHE A 64 -8.47 -6.77 -15.00
N LEU A 65 -8.06 -6.78 -16.27
CA LEU A 65 -7.75 -5.54 -16.98
C LEU A 65 -8.93 -4.56 -17.06
N SER A 66 -10.15 -5.07 -16.93
CA SER A 66 -11.33 -4.22 -17.00
C SER A 66 -11.48 -3.31 -15.78
N VAL A 67 -10.87 -3.70 -14.65
CA VAL A 67 -10.89 -2.86 -13.46
C VAL A 67 -9.52 -2.23 -13.18
N SER A 68 -8.47 -2.83 -13.73
CA SER A 68 -7.10 -2.31 -13.58
C SER A 68 -6.33 -2.49 -14.87
N PRO A 69 -6.42 -1.52 -15.79
CA PRO A 69 -5.78 -1.56 -17.11
C PRO A 69 -4.26 -1.57 -16.99
N ASN A 70 -3.73 -1.25 -15.80
CA ASN A 70 -2.28 -1.25 -15.60
C ASN A 70 -1.74 -2.63 -15.25
N ASN A 71 -2.64 -3.63 -15.27
CA ASN A 71 -2.30 -5.00 -14.89
C ASN A 71 -1.66 -5.15 -13.50
N LYS A 72 -2.03 -4.29 -12.57
CA LYS A 72 -1.50 -4.36 -11.24
C LYS A 72 -2.53 -4.28 -10.10
N ILE A 73 -2.29 -5.02 -9.03
CA ILE A 73 -3.12 -4.95 -7.84
C ILE A 73 -2.54 -3.86 -6.93
N PRO A 74 -3.35 -3.30 -6.01
CA PRO A 74 -4.76 -3.59 -5.75
C PRO A 74 -5.71 -2.86 -6.68
N ALA A 75 -6.91 -3.40 -6.76
CA ALA A 75 -8.02 -2.74 -7.42
C ALA A 75 -9.28 -3.06 -6.62
N ILE A 76 -10.23 -2.13 -6.58
CA ILE A 76 -11.51 -2.44 -5.95
C ILE A 76 -12.66 -2.23 -6.92
N LEU A 77 -13.80 -2.81 -6.54
CA LEU A 77 -15.06 -2.60 -7.23
C LEU A 77 -16.10 -2.43 -6.15
N ASP A 78 -16.57 -1.20 -5.98
CA ASP A 78 -17.56 -0.88 -4.97
C ASP A 78 -18.93 -0.85 -5.62
N PRO A 79 -19.78 -1.84 -5.28
CA PRO A 79 -21.13 -1.96 -5.88
C PRO A 79 -21.93 -0.71 -5.58
N HIS A 80 -21.71 -0.15 -4.40
CA HIS A 80 -22.42 1.06 -3.99
C HIS A 80 -21.47 2.24 -3.86
N GLY A 81 -20.93 2.70 -5.00
CA GLY A 81 -20.10 3.88 -5.05
C GLY A 81 -20.96 5.13 -5.02
N PRO A 82 -20.41 6.26 -5.50
CA PRO A 82 -21.15 7.53 -5.58
C PRO A 82 -22.39 7.40 -6.48
N GLY A 83 -23.50 8.02 -6.08
CA GLY A 83 -24.75 7.93 -6.81
C GLY A 83 -25.29 6.52 -6.82
N ASP A 84 -24.97 5.76 -5.77
CA ASP A 84 -25.21 4.31 -5.68
C ASP A 84 -25.03 3.55 -7.00
N GLN A 85 -24.05 4.02 -7.78
CA GLN A 85 -23.64 3.34 -9.00
C GLN A 85 -22.36 2.57 -8.66
N PRO A 86 -22.09 1.48 -9.39
CA PRO A 86 -20.86 0.72 -9.12
C PRO A 86 -19.63 1.51 -9.55
N LEU A 87 -18.52 1.33 -8.84
CA LEU A 87 -17.28 2.06 -9.13
C LEU A 87 -16.07 1.13 -9.06
N ALA A 88 -15.29 1.14 -10.13
CA ALA A 88 -14.02 0.42 -10.14
C ALA A 88 -12.89 1.43 -9.96
N LEU A 89 -11.86 1.03 -9.20
CA LEU A 89 -10.67 1.86 -9.02
C LEU A 89 -9.41 1.00 -8.95
N PHE A 90 -8.32 1.50 -9.55
CA PHE A 90 -7.01 0.92 -9.30
C PHE A 90 -6.12 2.02 -8.71
N GLU A 91 -4.88 1.67 -8.39
CA GLU A 91 -3.94 2.54 -7.66
C GLU A 91 -4.28 2.61 -6.17
N SER A 92 -3.36 2.11 -5.36
CA SER A 92 -3.57 2.02 -3.93
C SER A 92 -3.88 3.39 -3.33
N GLY A 93 -3.09 4.39 -3.70
CA GLY A 93 -3.25 5.74 -3.15
C GLY A 93 -4.60 6.36 -3.44
N ALA A 94 -5.11 6.11 -4.65
CA ALA A 94 -6.43 6.61 -5.03
C ALA A 94 -7.51 5.91 -4.21
N ILE A 95 -7.38 4.59 -4.06
CA ILE A 95 -8.32 3.81 -3.26
C ILE A 95 -8.32 4.26 -1.79
N LEU A 96 -7.13 4.54 -1.25
CA LEU A 96 -7.02 5.06 0.12
C LEU A 96 -7.80 6.35 0.30
N ILE A 97 -7.62 7.28 -0.63
CA ILE A 97 -8.31 8.56 -0.56
C ILE A 97 -9.82 8.36 -0.71
N TYR A 98 -10.20 7.49 -1.62
CA TYR A 98 -11.61 7.18 -1.83
C TYR A 98 -12.24 6.65 -0.56
N LEU A 99 -11.65 5.59 -0.01
CA LEU A 99 -12.19 4.96 1.19
C LEU A 99 -12.16 5.90 2.40
N ALA A 100 -11.21 6.84 2.40
CA ALA A 100 -11.15 7.84 3.47
C ALA A 100 -12.35 8.78 3.41
N ASP A 101 -12.60 9.29 2.21
CA ASP A 101 -13.74 10.19 1.93
C ASP A 101 -15.05 9.51 2.30
N LYS A 102 -15.20 8.27 1.85
CA LYS A 102 -16.43 7.52 2.06
C LYS A 102 -16.71 7.23 3.53
N SER A 103 -15.67 6.92 4.30
CA SER A 103 -15.82 6.57 5.72
C SER A 103 -15.64 7.77 6.65
N GLY A 104 -15.14 8.89 6.12
CA GLY A 104 -14.86 10.05 6.93
C GLY A 104 -13.74 9.82 7.94
N GLN A 105 -12.92 8.80 7.68
CA GLN A 105 -11.90 8.39 8.63
C GLN A 105 -10.49 8.54 8.06
N LEU A 106 -9.51 8.67 8.97
CA LEU A 106 -8.09 8.59 8.61
C LEU A 106 -7.60 9.63 7.60
N LEU A 107 -8.42 10.65 7.37
CA LEU A 107 -8.03 11.78 6.54
C LEU A 107 -8.89 12.96 6.92
N ALA A 108 -8.25 14.07 7.29
CA ALA A 108 -8.97 15.26 7.73
C ALA A 108 -9.82 15.82 6.59
N GLN A 109 -10.99 16.36 6.95
CA GLN A 109 -12.01 16.77 5.97
C GLN A 109 -11.55 17.93 5.12
N GLU A 110 -10.67 18.74 5.69
CA GLU A 110 -10.08 19.87 4.98
C GLU A 110 -8.96 20.42 5.82
N SER A 111 -8.69 21.71 5.64
CA SER A 111 -7.62 22.43 6.34
C SER A 111 -6.25 22.01 5.85
N ALA A 112 -5.22 22.62 6.45
CA ALA A 112 -3.85 22.33 6.09
C ALA A 112 -3.55 20.84 6.24
N ALA A 113 -4.09 20.24 7.30
CA ALA A 113 -3.79 18.84 7.62
C ALA A 113 -4.15 17.85 6.51
N ARG A 114 -5.29 18.06 5.86
CA ARG A 114 -5.68 17.22 4.72
C ARG A 114 -4.60 17.23 3.64
N TYR A 115 -4.16 18.41 3.24
CA TYR A 115 -3.23 18.52 2.12
C TYR A 115 -1.82 18.06 2.48
N GLU A 116 -1.46 18.25 3.74
CA GLU A 116 -0.21 17.71 4.26
C GLU A 116 -0.25 16.19 4.32
N THR A 117 -1.41 15.63 4.62
CA THR A 117 -1.55 14.18 4.58
C THR A 117 -1.40 13.65 3.15
N ILE A 118 -2.09 14.27 2.19
CA ILE A 118 -1.97 13.86 0.80
C ILE A 118 -0.51 14.03 0.35
N GLN A 119 0.13 15.09 0.82
CA GLN A 119 1.54 15.35 0.52
C GLN A 119 2.47 14.20 0.91
N TRP A 120 2.24 13.65 2.11
CA TRP A 120 3.05 12.52 2.56
C TRP A 120 2.62 11.25 1.84
N LEU A 121 1.34 11.15 1.49
CA LEU A 121 0.89 10.02 0.69
C LEU A 121 1.55 10.03 -0.69
N MSE A 122 1.68 11.21 -1.28
CA MSE A 122 2.37 11.34 -2.57
C MSE A 122 3.85 11.00 -2.44
O MSE A 122 4.42 10.35 -3.32
CB MSE A 122 2.20 12.74 -3.15
CG MSE A 122 0.80 13.06 -3.54
SE MSE A 122 0.16 11.81 -4.90
CE MSE A 122 -1.51 12.76 -5.24
N PHE A 123 4.47 11.44 -1.35
CA PHE A 123 5.85 11.06 -1.03
C PHE A 123 6.04 9.54 -1.07
N GLN A 124 5.06 8.80 -0.54
CA GLN A 124 5.11 7.35 -0.59
C GLN A 124 4.86 6.85 -2.03
N MSE A 125 3.79 7.34 -2.65
CA MSE A 125 3.41 6.91 -4.00
C MSE A 125 4.49 7.09 -5.04
O MSE A 125 4.70 6.23 -5.89
CB MSE A 125 2.14 7.64 -4.43
CG MSE A 125 0.87 7.15 -3.69
SE MSE A 125 0.55 5.23 -4.04
CE MSE A 125 0.12 5.42 -6.01
N GLY A 126 5.17 8.24 -5.00
CA GLY A 126 6.16 8.56 -6.02
C GLY A 126 7.60 8.31 -5.61
N GLY A 127 7.81 7.98 -4.35
CA GLY A 127 9.18 7.81 -3.88
C GLY A 127 9.41 6.47 -3.22
N ILE A 128 8.81 6.29 -2.05
CA ILE A 128 9.00 5.07 -1.27
C ILE A 128 8.66 3.81 -2.08
N GLY A 129 7.42 3.73 -2.55
CA GLY A 129 6.98 2.55 -3.28
C GLY A 129 7.89 2.22 -4.45
N PRO A 130 8.03 3.16 -5.41
CA PRO A 130 8.78 2.82 -6.63
C PRO A 130 10.26 2.53 -6.36
N MSE A 131 10.86 3.27 -5.45
CA MSE A 131 12.28 3.09 -5.19
C MSE A 131 12.58 1.82 -4.37
O MSE A 131 13.55 1.11 -4.67
CB MSE A 131 12.90 4.33 -4.57
CG MSE A 131 12.80 5.57 -5.47
SE MSE A 131 13.82 5.41 -7.15
CE MSE A 131 12.35 5.00 -8.39
N PHE A 132 11.78 1.52 -3.35
CA PHE A 132 11.97 0.28 -2.61
C PHE A 132 11.74 -0.90 -3.56
N GLY A 133 10.80 -0.74 -4.49
CA GLY A 133 10.53 -1.76 -5.49
C GLY A 133 11.76 -2.08 -6.32
N GLN A 134 12.55 -1.05 -6.65
CA GLN A 134 13.77 -1.28 -7.39
C GLN A 134 14.82 -2.01 -6.54
N VAL A 135 14.86 -1.74 -5.24
CA VAL A 135 15.78 -2.46 -4.37
C VAL A 135 15.43 -3.94 -4.38
N GLY A 136 14.13 -4.25 -4.36
CA GLY A 136 13.68 -5.63 -4.45
C GLY A 136 14.10 -6.34 -5.73
N PHE A 137 14.02 -5.64 -6.85
CA PHE A 137 14.45 -6.25 -8.11
C PHE A 137 15.93 -6.60 -8.06
N PHE A 138 16.75 -5.65 -7.62
CA PHE A 138 18.20 -5.84 -7.66
C PHE A 138 18.80 -6.64 -6.49
N ASN A 139 18.00 -6.99 -5.50
CA ASN A 139 18.49 -7.73 -4.33
C ASN A 139 17.78 -9.06 -4.10
N LYS A 140 16.57 -9.19 -4.63
CA LYS A 140 15.74 -10.35 -4.34
C LYS A 140 15.35 -11.11 -5.61
N PHE A 141 15.25 -10.38 -6.72
CA PHE A 141 14.76 -10.97 -7.96
C PHE A 141 15.83 -11.04 -9.03
N ALA A 142 15.42 -11.07 -10.30
CA ALA A 142 16.32 -11.34 -11.42
C ALA A 142 17.54 -10.42 -11.44
N GLY A 143 17.36 -9.20 -10.94
CA GLY A 143 18.42 -8.22 -10.95
C GLY A 143 19.54 -8.55 -9.99
N ARG A 144 19.29 -9.48 -9.08
CA ARG A 144 20.28 -9.92 -8.09
C ARG A 144 21.54 -10.44 -8.77
N GLU A 145 21.38 -11.06 -9.94
CA GLU A 145 22.47 -11.74 -10.65
C GLU A 145 23.31 -10.83 -11.56
N TYR A 146 22.85 -9.60 -11.76
CA TYR A 146 23.62 -8.66 -12.57
C TYR A 146 24.96 -8.41 -11.86
N GLU A 147 26.05 -8.50 -12.61
CA GLU A 147 27.39 -8.37 -12.04
C GLU A 147 27.71 -6.93 -11.65
N ASP A 148 27.42 -5.99 -12.55
CA ASP A 148 27.57 -4.58 -12.26
C ASP A 148 26.59 -4.21 -11.14
N LYS A 149 27.13 -3.89 -9.97
CA LYS A 149 26.31 -3.67 -8.79
C LYS A 149 25.95 -2.20 -8.59
N ARG A 150 26.39 -1.34 -9.49
CA ARG A 150 26.03 0.08 -9.43
C ARG A 150 24.51 0.37 -9.45
N PRO A 151 23.71 -0.40 -10.21
CA PRO A 151 22.26 -0.20 -10.10
C PRO A 151 21.73 -0.45 -8.69
N LEU A 152 22.00 -1.63 -8.13
CA LEU A 152 21.65 -1.93 -6.73
C LEU A 152 22.04 -0.79 -5.77
N GLU A 153 23.29 -0.34 -5.87
CA GLU A 153 23.78 0.75 -5.03
C GLU A 153 23.02 2.06 -5.22
N ARG A 154 22.61 2.35 -6.44
CA ARG A 154 21.84 3.55 -6.75
C ARG A 154 20.52 3.55 -5.99
N TYR A 155 19.84 2.41 -6.00
CA TYR A 155 18.52 2.30 -5.36
C TYR A 155 18.58 2.06 -3.84
N VAL A 156 19.65 1.42 -3.38
CA VAL A 156 19.89 1.32 -1.93
C VAL A 156 20.12 2.71 -1.38
N ASN A 157 20.98 3.47 -2.05
CA ASN A 157 21.28 4.84 -1.64
C ASN A 157 20.06 5.75 -1.67
N GLU A 158 19.17 5.53 -2.65
CA GLU A 158 17.95 6.34 -2.71
C GLU A 158 17.01 5.93 -1.59
N ALA A 159 16.95 4.63 -1.32
CA ALA A 159 16.15 4.12 -0.22
C ALA A 159 16.63 4.71 1.12
N LYS A 160 17.95 4.77 1.31
CA LYS A 160 18.55 5.41 2.48
C LYS A 160 18.15 6.88 2.59
N ARG A 161 18.20 7.60 1.47
CA ARG A 161 17.83 9.03 1.46
C ARG A 161 16.37 9.23 1.84
N LEU A 162 15.48 8.41 1.28
CA LEU A 162 14.06 8.49 1.61
C LEU A 162 13.79 8.16 3.09
N LEU A 163 14.44 7.11 3.60
CA LEU A 163 14.29 6.69 5.00
C LEU A 163 14.73 7.80 5.95
N GLY A 164 15.82 8.48 5.59
CA GLY A 164 16.33 9.58 6.40
C GLY A 164 15.41 10.79 6.37
N VAL A 165 14.74 11.01 5.25
CA VAL A 165 13.79 12.10 5.17
C VAL A 165 12.65 11.79 6.13
N LEU A 166 12.17 10.56 6.06
CA LEU A 166 11.09 10.12 6.92
C LEU A 166 11.53 10.06 8.39
N ASP A 167 12.76 9.62 8.63
CA ASP A 167 13.26 9.52 10.01
C ASP A 167 13.35 10.89 10.67
N LYS A 168 13.92 11.85 9.95
CA LYS A 168 13.98 13.23 10.43
C LYS A 168 12.57 13.75 10.74
N HIS A 169 11.61 13.42 9.89
CA HIS A 169 10.26 13.92 10.05
C HIS A 169 9.51 13.35 11.26
N LEU A 170 9.76 12.08 11.56
CA LEU A 170 9.01 11.38 12.60
C LEU A 170 9.54 11.71 13.99
N GLY A 171 10.68 12.39 14.05
CA GLY A 171 11.26 12.80 15.32
C GLY A 171 10.26 13.61 16.13
N GLY A 172 9.88 13.09 17.29
CA GLY A 172 8.93 13.78 18.15
C GLY A 172 7.47 13.59 17.79
N ARG A 173 7.19 12.76 16.78
N ARG A 173 7.19 12.78 16.77
CA ARG A 173 5.80 12.54 16.38
CA ARG A 173 5.81 12.54 16.35
C ARG A 173 5.34 11.11 16.66
C ARG A 173 5.35 11.12 16.65
N GLU A 174 4.07 10.96 17.00
CA GLU A 174 3.47 9.64 17.13
C GLU A 174 3.34 8.92 15.78
N TRP A 175 2.88 9.66 14.77
CA TRP A 175 2.71 9.14 13.41
C TRP A 175 3.15 10.20 12.42
N ILE A 176 3.07 9.89 11.13
CA ILE A 176 3.47 10.84 10.09
C ILE A 176 2.82 12.21 10.25
N MSE A 177 1.51 12.26 10.50
CA MSE A 177 0.82 13.53 10.72
C MSE A 177 0.81 13.96 12.20
O MSE A 177 -0.12 14.63 12.67
CB MSE A 177 -0.60 13.48 10.17
CG MSE A 177 -0.64 13.43 8.64
SE MSE A 177 0.37 14.94 7.90
CE MSE A 177 -0.55 16.38 8.83
N GLY A 178 1.85 13.57 12.94
CA GLY A 178 1.93 13.91 14.35
C GLY A 178 1.07 13.01 15.21
N GLU A 179 0.06 13.58 15.84
CA GLU A 179 -0.73 12.86 16.82
C GLU A 179 -1.72 11.87 16.19
N ARG A 180 -2.26 12.22 15.03
CA ARG A 180 -3.28 11.42 14.37
C ARG A 180 -2.69 10.38 13.41
N TYR A 181 -3.17 9.14 13.55
CA TYR A 181 -2.89 8.05 12.63
C TYR A 181 -3.67 8.27 11.32
N THR A 182 -2.99 8.30 10.18
CA THR A 182 -3.70 8.63 8.92
C THR A 182 -3.43 7.67 7.76
N ILE A 183 -4.07 7.90 6.62
CA ILE A 183 -3.79 7.08 5.43
C ILE A 183 -2.31 7.15 5.03
N ALA A 184 -1.61 8.20 5.40
CA ALA A 184 -0.18 8.30 5.12
C ALA A 184 0.60 7.16 5.79
N ASP A 185 0.24 6.82 7.04
CA ASP A 185 0.91 5.72 7.72
C ASP A 185 0.57 4.40 7.04
N ILE A 186 -0.70 4.25 6.70
CA ILE A 186 -1.20 3.02 6.09
C ILE A 186 -0.52 2.76 4.74
N ALA A 187 -0.19 3.83 4.02
CA ALA A 187 0.49 3.71 2.73
C ALA A 187 1.99 3.46 2.88
N THR A 188 2.59 4.03 3.94
CA THR A 188 4.04 4.02 4.06
C THR A 188 4.61 2.76 4.74
N PHE A 189 4.11 2.41 5.91
CA PHE A 189 4.73 1.32 6.68
C PHE A 189 4.68 -0.12 6.11
N PRO A 190 3.65 -0.47 5.31
CA PRO A 190 3.73 -1.80 4.68
C PRO A 190 4.94 -1.93 3.76
N TRP A 191 5.39 -0.81 3.19
CA TRP A 191 6.57 -0.84 2.32
C TRP A 191 7.88 -0.93 3.12
N ILE A 192 7.96 -0.23 4.24
CA ILE A 192 9.14 -0.31 5.09
C ILE A 192 9.25 -1.72 5.64
N ARG A 193 8.13 -2.28 6.06
CA ARG A 193 8.07 -3.68 6.48
C ARG A 193 8.57 -4.63 5.39
N ASN A 194 8.15 -4.39 4.15
CA ASN A 194 8.50 -5.31 3.08
C ASN A 194 9.98 -5.19 2.73
N LEU A 195 10.51 -3.97 2.75
CA LEU A 195 11.93 -3.75 2.44
C LEU A 195 12.83 -4.57 3.34
N ILE A 196 12.52 -4.58 4.64
CA ILE A 196 13.38 -5.25 5.63
C ILE A 196 12.98 -6.70 5.92
N GLY A 197 11.79 -7.08 5.50
CA GLY A 197 11.37 -8.47 5.61
C GLY A 197 11.60 -9.21 4.30
N PHE A 198 10.59 -9.24 3.44
CA PHE A 198 10.62 -10.03 2.21
C PHE A 198 11.82 -9.72 1.31
N TYR A 199 12.17 -8.45 1.19
CA TYR A 199 13.27 -8.01 0.33
C TYR A 199 14.64 -8.23 0.97
N GLU A 200 14.66 -8.52 2.27
CA GLU A 200 15.90 -8.82 2.99
C GLU A 200 16.97 -7.71 2.90
N ALA A 201 16.52 -6.46 2.84
CA ALA A 201 17.41 -5.34 2.62
C ALA A 201 17.62 -4.50 3.88
N GLY A 202 17.24 -5.04 5.03
CA GLY A 202 17.32 -4.30 6.28
C GLY A 202 18.74 -3.87 6.60
N GLU A 203 19.68 -4.81 6.49
CA GLU A 203 21.08 -4.50 6.75
C GLU A 203 21.62 -3.61 5.64
N LEU A 204 21.27 -3.96 4.40
CA LEU A 204 21.67 -3.22 3.20
C LEU A 204 21.44 -1.70 3.31
N VAL A 205 20.24 -1.30 3.71
CA VAL A 205 19.96 0.13 3.87
C VAL A 205 20.30 0.63 5.29
N GLY A 206 20.77 -0.26 6.15
CA GLY A 206 21.08 0.12 7.52
C GLY A 206 19.86 0.63 8.26
N ILE A 207 18.84 -0.21 8.38
CA ILE A 207 17.58 0.20 8.97
C ILE A 207 17.68 0.61 10.46
N ASP A 208 18.60 0.02 11.21
CA ASP A 208 18.77 0.39 12.61
C ASP A 208 19.18 1.87 12.77
N ASN A 209 19.68 2.49 11.70
CA ASN A 209 20.05 3.90 11.74
C ASN A 209 18.87 4.85 11.65
N PHE A 210 17.66 4.30 11.58
CA PHE A 210 16.46 5.13 11.47
C PHE A 210 15.51 4.73 12.56
N PRO A 211 15.87 5.05 13.81
CA PRO A 211 15.12 4.61 14.99
C PRO A 211 13.69 5.11 14.99
N GLU A 212 13.44 6.31 14.47
CA GLU A 212 12.08 6.85 14.46
C GLU A 212 11.18 6.04 13.52
N VAL A 213 11.72 5.71 12.35
CA VAL A 213 11.04 4.87 11.37
C VAL A 213 10.71 3.50 11.97
N LYS A 214 11.71 2.90 12.63
CA LYS A 214 11.52 1.63 13.33
C LYS A 214 10.50 1.73 14.46
N ARG A 215 10.54 2.82 15.23
CA ARG A 215 9.57 3.04 16.30
C ARG A 215 8.13 3.01 15.76
N VAL A 216 7.86 3.81 14.73
CA VAL A 216 6.49 3.94 14.25
C VAL A 216 6.05 2.65 13.53
N LEU A 217 6.97 2.02 12.82
CA LEU A 217 6.72 0.71 12.20
C LEU A 217 6.32 -0.31 13.25
N ALA A 218 7.04 -0.34 14.38
CA ALA A 218 6.72 -1.25 15.46
C ALA A 218 5.29 -0.99 15.94
N LYS A 219 4.92 0.27 16.05
CA LYS A 219 3.59 0.63 16.54
C LYS A 219 2.51 0.24 15.53
N PHE A 220 2.86 0.36 14.24
CA PHE A 220 1.97 0.03 13.14
C PHE A 220 1.55 -1.44 13.12
N VAL A 221 2.53 -2.34 13.16
CA VAL A 221 2.26 -3.77 13.08
C VAL A 221 1.68 -4.36 14.36
N ALA A 222 1.58 -3.54 15.41
CA ALA A 222 0.98 -4.01 16.67
C ALA A 222 -0.50 -3.62 16.74
N ARG A 223 -0.99 -2.94 15.71
CA ARG A 223 -2.41 -2.66 15.57
C ARG A 223 -3.08 -3.91 15.01
N PRO A 224 -4.10 -4.41 15.72
CA PRO A 224 -4.82 -5.63 15.29
C PRO A 224 -5.34 -5.58 13.86
N ALA A 225 -5.97 -4.47 13.47
CA ALA A 225 -6.47 -4.29 12.10
C ALA A 225 -5.35 -4.50 11.09
N VAL A 226 -4.20 -3.88 11.36
CA VAL A 226 -3.00 -4.07 10.55
C VAL A 226 -2.59 -5.54 10.50
N ILE A 227 -2.59 -6.19 11.66
CA ILE A 227 -2.22 -7.61 11.74
C ILE A 227 -3.09 -8.49 10.83
N ARG A 228 -4.40 -8.24 10.84
CA ARG A 228 -5.33 -8.93 9.95
C ARG A 228 -5.03 -8.61 8.49
N GLY A 229 -4.97 -7.31 8.18
CA GLY A 229 -4.80 -6.86 6.80
C GLY A 229 -3.55 -7.34 6.10
N LEU A 230 -2.49 -7.61 6.88
CA LEU A 230 -1.21 -8.01 6.31
C LEU A 230 -1.28 -9.40 5.65
N GLU A 231 -2.24 -10.22 6.08
CA GLU A 231 -2.38 -11.58 5.56
C GLU A 231 -3.47 -11.70 4.48
N ILE A 232 -4.08 -10.57 4.13
CA ILE A 232 -5.26 -10.57 3.27
C ILE A 232 -4.97 -10.13 1.83
N PRO A 233 -5.43 -10.94 0.85
CA PRO A 233 -6.13 -12.21 1.03
C PRO A 233 -5.18 -13.40 1.19
N1 GSH B . 1.20 2.47 -8.09
CA1 GSH B . 0.53 1.23 -7.96
C1 GSH B . -0.32 1.21 -6.72
O11 GSH B . 0.05 1.87 -5.71
O12 GSH B . -1.40 0.54 -6.67
CB1 GSH B . 1.53 0.13 -7.86
CG1 GSH B . 0.79 -1.20 -7.79
CD1 GSH B . 1.75 -2.37 -7.92
OE1 GSH B . 2.92 -2.18 -8.13
N2 GSH B . 1.24 -3.73 -7.76
CA2 GSH B . 2.15 -4.83 -7.87
C2 GSH B . 1.60 -5.69 -9.00
O2 GSH B . 0.37 -5.80 -9.12
CB2 GSH B . 2.16 -5.64 -6.61
SG2 GSH B . 2.68 -4.67 -5.20
N3 GSH B . 2.47 -6.37 -9.93
CA3 GSH B . 1.89 -7.19 -10.99
C3 GSH B . 2.62 -6.96 -12.26
O31 GSH B . 3.32 -5.92 -12.42
O32 GSH B . 2.56 -7.82 -13.18
CL CL C . 4.19 18.19 7.11
N1 GSH D . 7.49 -7.60 -12.43
CA1 GSH D . 7.45 -6.19 -12.41
C1 GSH D . 8.81 -5.62 -12.12
O11 GSH D . 9.84 -6.32 -12.31
O12 GSH D . 8.91 -4.43 -11.70
CB1 GSH D . 6.49 -5.76 -11.35
CG1 GSH D . 6.91 -6.29 -9.97
CD1 GSH D . 6.18 -5.42 -8.98
OE1 GSH D . 5.06 -5.03 -9.28
N2 GSH D . 6.78 -5.01 -7.71
CA2 GSH D . 6.05 -4.17 -6.81
C2 GSH D . 6.53 -2.74 -6.94
O2 GSH D . 7.74 -2.50 -7.13
CB2 GSH D . 6.24 -4.62 -5.39
SG2 GSH D . 5.56 -6.24 -5.14
N3 GSH D . 5.63 -1.59 -6.85
CA3 GSH D . 6.18 -0.24 -6.99
C3 GSH D . 5.28 0.81 -6.38
O31 GSH D . 4.45 0.52 -5.50
O32 GSH D . 5.38 2.00 -6.75
#